data_2QEU
#
_entry.id   2QEU
#
_cell.length_a   71.173
_cell.length_b   71.173
_cell.length_c   325.501
_cell.angle_alpha   90.000
_cell.angle_beta   90.000
_cell.angle_gamma   120.000
#
_symmetry.space_group_name_H-M   'P 61 2 2'
#
loop_
_entity.id
_entity.type
_entity.pdbx_description
1 polymer 'Putative carboxymuconolactone decarboxylase'
2 non-polymer 'ACETATE ION'
3 non-polymer 'CITRIC ACID'
4 non-polymer GLYCEROL
5 water water
#
_entity_poly.entity_id   1
_entity_poly.type   'polypeptide(L)'
_entity_poly.pdbx_seq_one_letter_code
;G(MSE)DQESNATSQDILKQHAAHYESD(MSE)GGLPEALVQLAEYAPETFDAYSR(MSE)RTT(MSE)LKSEADGAKLP
LKYKHLILVVLDAIRDEPIGIVNHTRAA(MSE)NAGLSVDELIEGILLGIIVYG(MSE)PAWGKTGRKAVTFAVEFEKEL
AGKRT
;
_entity_poly.pdbx_strand_id   A,B,C
#
loop_
_chem_comp.id
_chem_comp.type
_chem_comp.name
_chem_comp.formula
ACT non-polymer 'ACETATE ION' 'C2 H3 O2 -1'
CIT non-polymer 'CITRIC ACID' 'C6 H8 O7'
GOL non-polymer GLYCEROL 'C3 H8 O3'
#
# COMPACT_ATOMS: atom_id res chain seq x y z
N ALA A 8 14.29 29.44 -16.86
CA ALA A 8 14.92 28.58 -15.80
C ALA A 8 15.53 27.30 -16.40
N THR A 9 16.85 27.22 -16.40
CA THR A 9 17.53 25.97 -16.77
C THR A 9 17.36 24.93 -15.64
N SER A 10 17.58 23.68 -15.94
CA SER A 10 17.43 22.67 -14.93
C SER A 10 18.52 22.79 -13.80
N GLN A 11 19.70 23.30 -14.14
CA GLN A 11 20.67 23.69 -13.10
C GLN A 11 20.09 24.78 -12.21
N ASP A 12 19.49 25.79 -12.86
N ASP A 12 19.51 25.79 -12.86
CA ASP A 12 18.91 26.92 -12.14
CA ASP A 12 18.87 26.91 -12.18
C ASP A 12 17.81 26.39 -11.22
C ASP A 12 17.83 26.36 -11.22
N ILE A 13 17.00 25.46 -11.73
CA ILE A 13 15.86 24.92 -10.97
C ILE A 13 16.30 24.21 -9.73
N LEU A 14 17.32 23.35 -9.86
CA LEU A 14 17.77 22.61 -8.70
C LEU A 14 18.38 23.54 -7.65
N LYS A 15 19.14 24.52 -8.10
CA LYS A 15 19.71 25.46 -7.16
C LYS A 15 18.63 26.29 -6.52
N GLN A 16 17.61 26.69 -7.28
N GLN A 16 17.63 26.71 -7.29
CA GLN A 16 16.54 27.59 -6.74
CA GLN A 16 16.56 27.59 -6.73
C GLN A 16 15.80 27.06 -5.51
C GLN A 16 15.99 27.02 -5.43
N HIS A 17 15.64 25.74 -5.44
CA HIS A 17 14.87 25.10 -4.39
C HIS A 17 15.73 24.46 -3.31
N ALA A 18 17.04 24.54 -3.47
CA ALA A 18 17.93 23.84 -2.53
C ALA A 18 17.71 24.26 -1.08
N ALA A 19 17.62 25.56 -0.84
CA ALA A 19 17.51 26.05 0.53
C ALA A 19 16.22 25.64 1.17
N HIS A 20 15.14 25.66 0.40
CA HIS A 20 13.83 25.20 0.90
C HIS A 20 13.90 23.75 1.40
N TYR A 21 14.43 22.82 0.60
CA TYR A 21 14.43 21.43 1.03
C TYR A 21 15.38 21.22 2.18
N GLU A 22 16.53 21.89 2.15
CA GLU A 22 17.48 21.70 3.24
C GLU A 22 16.85 22.20 4.54
N SER A 23 16.28 23.40 4.48
N SER A 23 16.25 23.40 4.49
CA SER A 23 15.66 23.99 5.63
CA SER A 23 15.69 24.01 5.69
C SER A 23 14.49 23.17 6.18
C SER A 23 14.41 23.33 6.19
N ASP A 24 13.57 22.85 5.28
CA ASP A 24 12.29 22.22 5.67
C ASP A 24 12.44 20.76 6.01
N MSE A 25 13.25 20.04 5.23
CA MSE A 25 13.32 18.54 5.30
C MSE A 25 14.69 18.01 5.70
O MSE A 25 14.81 16.82 6.00
CB MSE A 25 12.89 17.90 3.97
CG MSE A 25 11.45 18.20 3.59
SE MSE A 25 10.16 17.30 4.81
CE MSE A 25 9.92 15.75 3.72
N GLY A 26 15.73 18.85 5.70
CA GLY A 26 17.05 18.36 5.98
C GLY A 26 17.68 17.66 4.79
N GLY A 27 17.11 17.90 3.62
CA GLY A 27 17.56 17.15 2.44
C GLY A 27 16.47 17.06 1.40
N LEU A 28 16.83 16.51 0.26
CA LEU A 28 15.87 16.33 -0.83
C LEU A 28 15.45 14.87 -0.83
N PRO A 29 14.17 14.60 -0.51
CA PRO A 29 13.75 13.16 -0.52
C PRO A 29 14.01 12.47 -1.87
N GLU A 30 14.26 11.17 -1.82
N GLU A 30 14.29 11.17 -1.84
CA GLU A 30 14.64 10.40 -3.01
CA GLU A 30 14.69 10.43 -3.04
C GLU A 30 13.61 10.53 -4.12
C GLU A 30 13.61 10.51 -4.14
N ALA A 31 12.33 10.51 -3.78
CA ALA A 31 11.27 10.67 -4.80
C ALA A 31 11.47 11.96 -5.60
N LEU A 32 11.83 13.01 -4.86
CA LEU A 32 11.95 14.34 -5.42
C LEU A 32 13.30 14.48 -6.18
N VAL A 33 14.36 13.82 -5.70
CA VAL A 33 15.60 13.70 -6.51
C VAL A 33 15.25 13.16 -7.89
N GLN A 34 14.49 12.08 -7.94
CA GLN A 34 14.17 11.45 -9.22
C GLN A 34 13.26 12.32 -10.10
N LEU A 35 12.38 13.06 -9.43
CA LEU A 35 11.53 14.01 -10.12
C LEU A 35 12.39 15.10 -10.76
N ALA A 36 13.36 15.62 -10.01
CA ALA A 36 14.28 16.62 -10.57
C ALA A 36 15.05 16.07 -11.75
N GLU A 37 15.49 14.80 -11.60
CA GLU A 37 16.28 14.15 -12.64
C GLU A 37 15.52 14.05 -13.98
N TYR A 38 14.27 13.56 -13.89
CA TYR A 38 13.54 13.17 -15.11
C TYR A 38 12.44 14.14 -15.49
N ALA A 39 12.04 15.02 -14.59
CA ALA A 39 10.94 16.00 -14.83
C ALA A 39 11.22 17.36 -14.20
N PRO A 40 12.35 18.00 -14.62
CA PRO A 40 12.75 19.23 -13.90
C PRO A 40 11.70 20.34 -13.91
N GLU A 41 10.94 20.52 -14.99
CA GLU A 41 9.91 21.57 -14.98
C GLU A 41 8.79 21.28 -14.02
N THR A 42 8.42 20.00 -13.92
CA THR A 42 7.42 19.60 -12.90
C THR A 42 7.98 19.76 -11.47
N PHE A 43 9.21 19.33 -11.24
CA PHE A 43 9.93 19.58 -10.00
C PHE A 43 9.94 21.06 -9.60
N ASP A 44 10.23 21.92 -10.55
CA ASP A 44 10.22 23.37 -10.31
C ASP A 44 8.86 23.84 -9.81
N ALA A 45 7.81 23.57 -10.58
CA ALA A 45 6.47 24.02 -10.21
C ALA A 45 5.99 23.41 -8.91
N TYR A 46 6.24 22.13 -8.74
CA TYR A 46 5.87 21.48 -7.50
C TYR A 46 6.56 22.08 -6.30
N SER A 47 7.85 22.34 -6.48
CA SER A 47 8.63 22.91 -5.41
C SER A 47 8.19 24.32 -5.04
N ARG A 48 7.81 25.12 -6.04
N ARG A 48 7.78 25.09 -6.05
CA ARG A 48 7.17 26.44 -5.77
CA ARG A 48 7.20 26.43 -5.82
C ARG A 48 5.94 26.25 -4.90
C ARG A 48 5.90 26.32 -5.00
N MSE A 49 5.08 25.31 -5.28
CA MSE A 49 3.84 25.05 -4.55
C MSE A 49 4.18 24.67 -3.10
O MSE A 49 3.56 25.16 -2.15
CB MSE A 49 3.05 23.92 -5.24
CG MSE A 49 1.66 23.83 -4.77
SE MSE A 49 0.62 22.51 -5.74
CE MSE A 49 1.47 20.95 -5.00
N ARG A 50 5.14 23.76 -2.95
CA ARG A 50 5.55 23.25 -1.65
C ARG A 50 6.09 24.36 -0.78
N THR A 51 6.82 25.28 -1.41
CA THR A 51 7.47 26.37 -0.70
C THR A 51 6.44 27.33 -0.11
N THR A 52 5.39 27.66 -0.91
CA THR A 52 4.31 28.45 -0.32
C THR A 52 3.51 27.68 0.74
N MSE A 53 3.16 26.44 0.47
CA MSE A 53 2.37 25.65 1.40
C MSE A 53 3.03 25.46 2.74
O MSE A 53 2.36 25.48 3.80
CB MSE A 53 2.02 24.30 0.79
CG MSE A 53 0.95 24.35 -0.27
SE MSE A 53 0.82 22.54 -0.97
CE MSE A 53 -0.79 22.75 -2.06
N LEU A 54 4.35 25.29 2.74
CA LEU A 54 5.09 25.04 3.98
C LEU A 54 5.85 26.28 4.50
N LYS A 55 5.40 27.45 4.12
CA LYS A 55 5.95 28.68 4.63
C LYS A 55 5.88 28.70 6.18
N SER A 56 6.93 29.22 6.81
CA SER A 56 6.97 29.33 8.27
C SER A 56 6.19 30.55 8.72
N GLU A 57 5.89 30.56 10.02
CA GLU A 57 5.32 31.75 10.63
C GLU A 57 6.18 32.99 10.44
N ALA A 58 7.49 32.87 10.57
CA ALA A 58 8.37 34.01 10.41
C ALA A 58 8.16 34.62 9.04
N ASP A 59 7.81 33.78 8.05
CA ASP A 59 7.60 34.23 6.66
C ASP A 59 6.15 34.56 6.33
N GLY A 60 5.31 34.60 7.36
CA GLY A 60 3.95 35.07 7.22
C GLY A 60 2.87 34.04 7.36
N ALA A 61 3.22 32.75 7.54
CA ALA A 61 2.20 31.71 7.70
C ALA A 61 1.44 31.87 9.01
N LYS A 62 0.18 31.43 9.02
CA LYS A 62 -0.66 31.47 10.20
C LYS A 62 -0.69 30.16 10.96
N LEU A 63 -0.54 29.04 10.26
CA LEU A 63 -0.54 27.74 10.89
C LEU A 63 0.91 27.41 11.24
N PRO A 64 1.20 27.14 12.52
CA PRO A 64 2.60 26.79 12.87
C PRO A 64 3.19 25.64 12.06
N LEU A 65 4.47 25.78 11.72
CA LEU A 65 5.14 24.77 10.88
C LEU A 65 5.11 23.37 11.48
N LYS A 66 5.21 23.29 12.80
CA LYS A 66 5.16 21.97 13.43
C LYS A 66 3.83 21.27 13.16
N TYR A 67 2.73 22.04 13.13
CA TYR A 67 1.42 21.45 12.84
C TYR A 67 1.19 21.21 11.32
N LYS A 68 1.79 22.03 10.44
CA LYS A 68 1.81 21.73 9.03
C LYS A 68 2.41 20.32 8.81
N HIS A 69 3.59 20.11 9.39
CA HIS A 69 4.27 18.81 9.17
C HIS A 69 3.50 17.70 9.93
N LEU A 70 2.85 18.00 11.08
CA LEU A 70 1.98 16.98 11.71
C LEU A 70 0.85 16.51 10.77
N ILE A 71 0.21 17.45 10.10
CA ILE A 71 -0.84 17.12 9.11
C ILE A 71 -0.23 16.17 8.03
N LEU A 72 0.95 16.49 7.54
CA LEU A 72 1.64 15.63 6.55
C LEU A 72 2.00 14.25 7.09
N VAL A 73 2.38 14.20 8.36
CA VAL A 73 2.60 12.91 9.05
C VAL A 73 1.35 12.03 8.93
N VAL A 74 0.23 12.61 9.37
CA VAL A 74 -1.03 11.88 9.39
C VAL A 74 -1.41 11.44 7.97
N LEU A 75 -1.32 12.35 7.01
CA LEU A 75 -1.58 12.01 5.61
C LEU A 75 -0.66 10.88 5.12
N ASP A 76 0.63 10.96 5.44
CA ASP A 76 1.56 9.86 5.07
C ASP A 76 1.24 8.56 5.80
N ALA A 77 0.65 8.62 7.01
CA ALA A 77 0.17 7.41 7.64
C ALA A 77 -0.94 6.74 6.83
N ILE A 78 -1.89 7.56 6.43
N ILE A 78 -1.93 7.52 6.40
CA ILE A 78 -3.03 7.11 5.67
CA ILE A 78 -3.05 6.93 5.69
C ILE A 78 -2.53 6.50 4.34
C ILE A 78 -2.71 6.57 4.25
N ARG A 79 -1.66 7.23 3.64
N ARG A 79 -1.62 7.16 3.75
CA ARG A 79 -1.20 6.82 2.31
CA ARG A 79 -1.11 6.92 2.39
C ARG A 79 -0.18 5.67 2.35
C ARG A 79 -0.01 5.86 2.38
N ASP A 80 0.28 5.30 3.55
CA ASP A 80 1.35 4.32 3.72
C ASP A 80 2.65 4.72 3.03
N GLU A 81 3.14 5.87 3.45
CA GLU A 81 4.43 6.40 2.99
C GLU A 81 5.41 6.44 4.15
N PRO A 82 6.09 5.31 4.41
CA PRO A 82 6.95 5.17 5.60
C PRO A 82 8.20 6.08 5.56
N ILE A 83 8.68 6.43 4.36
CA ILE A 83 9.83 7.36 4.28
C ILE A 83 9.38 8.78 4.61
N GLY A 84 8.34 9.21 3.90
CA GLY A 84 7.76 10.53 4.13
C GLY A 84 7.36 10.72 5.57
N ILE A 85 6.75 9.69 6.17
CA ILE A 85 6.24 9.86 7.52
C ILE A 85 7.36 10.17 8.47
N VAL A 86 8.52 9.51 8.31
CA VAL A 86 9.66 9.78 9.16
C VAL A 86 10.24 11.16 8.83
N ASN A 87 10.31 11.50 7.55
CA ASN A 87 10.82 12.83 7.20
C ASN A 87 9.97 13.98 7.75
N HIS A 88 8.66 13.83 7.69
CA HIS A 88 7.77 14.82 8.23
C HIS A 88 7.74 14.84 9.74
N THR A 89 7.96 13.69 10.37
CA THR A 89 8.05 13.67 11.83
C THR A 89 9.31 14.44 12.30
N ARG A 90 10.40 14.15 11.66
CA ARG A 90 11.67 14.84 11.94
C ARG A 90 11.47 16.34 11.75
N ALA A 91 10.87 16.73 10.65
CA ALA A 91 10.62 18.16 10.37
C ALA A 91 9.73 18.75 11.43
N ALA A 92 8.64 18.06 11.77
CA ALA A 92 7.73 18.60 12.79
C ALA A 92 8.42 18.83 14.16
N MSE A 93 9.22 17.84 14.57
CA MSE A 93 9.93 17.85 15.84
C MSE A 93 11.05 18.90 15.87
O MSE A 93 11.28 19.56 16.90
CB MSE A 93 10.44 16.45 16.13
CG MSE A 93 9.31 15.59 16.59
SE MSE A 93 9.85 13.78 16.95
CE MSE A 93 10.88 14.12 18.59
N ASN A 94 11.69 19.07 14.73
CA ASN A 94 12.66 20.15 14.53
C ASN A 94 11.99 21.53 14.63
N ALA A 95 10.69 21.62 14.28
CA ALA A 95 9.90 22.85 14.39
C ALA A 95 9.17 22.98 15.72
N GLY A 96 9.45 22.09 16.66
CA GLY A 96 8.92 22.21 17.96
C GLY A 96 7.86 21.23 18.38
N LEU A 97 7.44 20.32 17.50
CA LEU A 97 6.40 19.36 17.92
C LEU A 97 6.94 18.39 18.99
N SER A 98 6.13 18.13 20.02
CA SER A 98 6.45 17.09 21.01
C SER A 98 6.03 15.71 20.52
N VAL A 99 6.67 14.69 21.07
CA VAL A 99 6.23 13.31 20.85
C VAL A 99 4.75 13.10 21.32
N ASP A 100 4.37 13.65 22.48
CA ASP A 100 2.94 13.59 22.90
C ASP A 100 1.96 14.15 21.86
N GLU A 101 2.26 15.31 21.28
CA GLU A 101 1.44 15.91 20.21
C GLU A 101 1.39 15.02 18.98
N LEU A 102 2.54 14.49 18.59
CA LEU A 102 2.62 13.54 17.48
C LEU A 102 1.64 12.38 17.65
N ILE A 103 1.66 11.75 18.81
CA ILE A 103 0.82 10.57 19.07
C ILE A 103 -0.64 10.95 19.05
N GLU A 104 -0.98 12.03 19.75
CA GLU A 104 -2.37 12.55 19.74
C GLU A 104 -2.90 12.78 18.31
N GLY A 105 -2.07 13.33 17.44
CA GLY A 105 -2.41 13.61 16.05
C GLY A 105 -2.61 12.36 15.23
N ILE A 106 -1.66 11.43 15.35
CA ILE A 106 -1.71 10.16 14.63
C ILE A 106 -2.96 9.33 15.00
N LEU A 107 -3.29 9.29 16.29
CA LEU A 107 -4.45 8.54 16.70
C LEU A 107 -5.75 8.97 16.00
N LEU A 108 -5.87 10.24 15.70
CA LEU A 108 -7.08 10.74 15.04
C LEU A 108 -7.34 10.06 13.71
N GLY A 109 -6.25 9.62 13.06
CA GLY A 109 -6.41 8.88 11.85
C GLY A 109 -7.30 7.63 11.98
N ILE A 110 -7.31 6.99 13.15
CA ILE A 110 -8.19 5.84 13.40
C ILE A 110 -9.66 6.14 13.21
N ILE A 111 -10.08 7.34 13.60
CA ILE A 111 -11.51 7.72 13.47
C ILE A 111 -11.95 7.61 12.00
N VAL A 112 -11.16 8.20 11.10
CA VAL A 112 -11.55 8.30 9.70
C VAL A 112 -11.08 7.14 8.85
N TYR A 113 -9.97 6.50 9.22
CA TYR A 113 -9.37 5.48 8.40
C TYR A 113 -9.08 4.14 9.11
N GLY A 114 -9.60 4.00 10.32
CA GLY A 114 -9.53 2.69 10.98
C GLY A 114 -8.20 2.39 11.64
N MSE A 115 -8.14 1.22 12.28
CA MSE A 115 -6.93 0.85 12.98
C MSE A 115 -5.66 0.87 12.07
O MSE A 115 -4.56 1.12 12.59
CB MSE A 115 -7.10 -0.49 13.70
CG MSE A 115 -5.91 -0.87 14.56
SE MSE A 115 -5.31 0.52 15.83
CE MSE A 115 -7.02 0.72 16.76
N PRO A 116 -5.76 0.49 10.79
CA PRO A 116 -4.55 0.59 9.93
C PRO A 116 -3.89 1.95 9.84
N ALA A 117 -4.63 3.02 10.14
CA ALA A 117 -4.05 4.35 10.22
C ALA A 117 -2.93 4.42 11.27
N TRP A 118 -3.02 3.57 12.29
CA TRP A 118 -1.97 3.40 13.30
C TRP A 118 -1.07 2.21 12.92
N GLY A 119 -1.72 1.07 12.66
CA GLY A 119 -1.05 -0.20 12.61
C GLY A 119 -0.06 -0.39 11.48
N LYS A 120 -0.33 0.15 10.29
N LYS A 120 -0.36 0.11 10.29
CA LYS A 120 0.53 -0.13 9.15
CA LYS A 120 0.51 -0.09 9.14
C LYS A 120 1.74 0.81 9.07
C LYS A 120 1.72 0.82 9.23
N THR A 121 1.49 2.11 9.03
CA THR A 121 2.55 3.09 8.90
C THR A 121 2.58 4.12 10.04
N GLY A 122 1.42 4.57 10.51
CA GLY A 122 1.37 5.63 11.52
C GLY A 122 2.30 5.39 12.72
N ARG A 123 2.27 4.18 13.28
CA ARG A 123 3.08 3.90 14.43
C ARG A 123 4.61 3.98 14.15
N LYS A 124 5.01 3.80 12.89
CA LYS A 124 6.42 3.93 12.55
C LYS A 124 6.96 5.34 12.86
N ALA A 125 6.10 6.37 12.74
CA ALA A 125 6.44 7.75 13.14
C ALA A 125 6.77 7.84 14.63
N VAL A 126 5.98 7.13 15.44
CA VAL A 126 6.16 7.14 16.90
C VAL A 126 7.49 6.44 17.29
N THR A 127 7.74 5.29 16.66
CA THR A 127 8.98 4.55 16.91
C THR A 127 10.21 5.44 16.65
N PHE A 128 10.19 6.13 15.50
CA PHE A 128 11.22 7.10 15.15
C PHE A 128 11.28 8.25 16.16
N ALA A 129 10.12 8.82 16.45
CA ALA A 129 10.01 9.98 17.35
C ALA A 129 10.67 9.76 18.72
N VAL A 130 10.44 8.59 19.31
N VAL A 130 10.43 8.57 19.31
CA VAL A 130 10.95 8.33 20.67
CA VAL A 130 10.95 8.26 20.64
C VAL A 130 12.49 8.26 20.65
C VAL A 130 12.48 8.31 20.62
N GLU A 131 13.07 7.85 19.51
CA GLU A 131 14.54 7.90 19.37
C GLU A 131 15.07 9.30 19.01
N PHE A 132 14.39 10.00 18.11
CA PHE A 132 14.79 11.33 17.73
C PHE A 132 14.69 12.31 18.89
N GLU A 133 13.73 12.10 19.80
CA GLU A 133 13.50 12.96 20.97
C GLU A 133 14.74 12.92 21.87
N LYS A 134 15.37 11.75 21.94
CA LYS A 134 16.61 11.59 22.72
C LYS A 134 17.76 12.38 22.10
N GLU A 135 17.86 12.30 20.78
CA GLU A 135 18.86 13.04 20.06
C GLU A 135 18.73 14.55 20.23
N LEU A 136 17.52 15.07 20.07
CA LEU A 136 17.25 16.49 20.27
C LEU A 136 17.59 16.94 21.67
N ALA A 137 17.31 16.08 22.66
CA ALA A 137 17.56 16.37 24.05
C ALA A 137 19.07 16.45 24.28
N GLY A 138 19.82 15.60 23.57
CA GLY A 138 21.29 15.62 23.60
C GLY A 138 21.91 16.90 23.02
N LYS A 139 21.15 17.64 22.21
CA LYS A 139 21.57 18.94 21.67
C LYS A 139 21.20 20.10 22.61
N THR B 9 -1.21 -0.02 34.79
CA THR B 9 -1.00 1.12 33.82
C THR B 9 -1.56 0.73 32.42
N SER B 10 -0.71 0.75 31.39
CA SER B 10 -0.94 -0.10 30.21
C SER B 10 -1.10 -1.56 30.68
N GLN B 11 -0.38 -1.93 31.75
CA GLN B 11 -0.40 -3.29 32.31
C GLN B 11 -1.80 -3.77 32.70
N ASP B 12 -2.57 -2.89 33.35
CA ASP B 12 -3.93 -3.25 33.81
C ASP B 12 -4.92 -3.35 32.63
N ILE B 13 -4.80 -2.42 31.68
CA ILE B 13 -5.65 -2.45 30.48
C ILE B 13 -5.36 -3.70 29.61
N LEU B 14 -4.08 -4.08 29.50
CA LEU B 14 -3.70 -5.30 28.80
C LEU B 14 -4.30 -6.54 29.47
N LYS B 15 -4.22 -6.57 30.80
CA LYS B 15 -4.81 -7.66 31.57
C LYS B 15 -6.33 -7.74 31.29
N GLN B 16 -6.99 -6.59 31.23
CA GLN B 16 -8.43 -6.53 30.96
C GLN B 16 -8.86 -7.24 29.66
N HIS B 17 -8.02 -7.17 28.64
CA HIS B 17 -8.44 -7.60 27.30
C HIS B 17 -7.68 -8.82 26.83
N ALA B 18 -6.79 -9.36 27.66
CA ALA B 18 -5.95 -10.46 27.23
C ALA B 18 -6.75 -11.71 26.82
N ALA B 19 -7.81 -12.02 27.58
CA ALA B 19 -8.65 -13.19 27.28
C ALA B 19 -9.35 -13.08 25.91
N HIS B 20 -9.79 -11.86 25.58
CA HIS B 20 -10.37 -11.58 24.27
C HIS B 20 -9.39 -11.89 23.13
N TYR B 21 -8.18 -11.33 23.22
CA TYR B 21 -7.21 -11.49 22.13
C TYR B 21 -6.67 -12.93 22.03
N GLU B 22 -6.50 -13.61 23.16
N GLU B 22 -6.49 -13.60 23.17
CA GLU B 22 -6.05 -14.99 23.08
CA GLU B 22 -6.08 -15.00 23.15
C GLU B 22 -7.12 -15.85 22.44
C GLU B 22 -7.12 -15.82 22.42
N SER B 23 -8.37 -15.63 22.82
CA SER B 23 -9.50 -16.41 22.32
C SER B 23 -9.73 -16.15 20.85
N ASP B 24 -9.80 -14.87 20.52
CA ASP B 24 -10.16 -14.47 19.18
C ASP B 24 -9.04 -14.63 18.19
N MSE B 25 -7.83 -14.21 18.62
CA MSE B 25 -6.66 -14.08 17.75
C MSE B 25 -5.44 -14.93 18.08
O MSE B 25 -4.46 -14.92 17.32
CB MSE B 25 -6.23 -12.59 17.67
CG MSE B 25 -7.32 -11.66 17.17
SE MSE B 25 -7.52 -11.78 15.21
CE MSE B 25 -6.10 -10.53 14.68
N GLY B 26 -5.48 -15.67 19.20
CA GLY B 26 -4.30 -16.39 19.63
C GLY B 26 -3.18 -15.51 20.15
N GLY B 27 -3.52 -14.28 20.55
CA GLY B 27 -2.53 -13.31 21.04
C GLY B 27 -2.78 -11.87 20.51
N LEU B 28 -1.97 -10.93 21.02
CA LEU B 28 -2.11 -9.51 20.68
C LEU B 28 -1.15 -9.11 19.55
N PRO B 29 -1.69 -8.67 18.40
CA PRO B 29 -0.74 -8.22 17.37
C PRO B 29 0.19 -7.10 17.80
N GLU B 30 1.39 -7.05 17.23
CA GLU B 30 2.41 -6.03 17.57
C GLU B 30 1.94 -4.58 17.46
N ALA B 31 1.17 -4.28 16.44
CA ALA B 31 0.63 -2.93 16.29
C ALA B 31 -0.18 -2.57 17.52
N LEU B 32 -0.97 -3.53 18.03
CA LEU B 32 -1.82 -3.27 19.20
C LEU B 32 -1.02 -3.28 20.52
N VAL B 33 0.06 -4.07 20.57
CA VAL B 33 1.03 -3.97 21.65
C VAL B 33 1.55 -2.55 21.77
N GLN B 34 1.95 -1.98 20.62
N GLN B 34 1.94 -1.97 20.64
CA GLN B 34 2.48 -0.61 20.57
CA GLN B 34 2.48 -0.62 20.63
C GLN B 34 1.39 0.40 20.95
C GLN B 34 1.40 0.43 20.92
N LEU B 35 0.17 0.20 20.45
CA LEU B 35 -0.95 1.08 20.81
C LEU B 35 -1.18 1.04 22.32
N ALA B 36 -1.12 -0.15 22.91
CA ALA B 36 -1.28 -0.28 24.36
C ALA B 36 -0.22 0.51 25.10
N GLU B 37 1.01 0.45 24.61
CA GLU B 37 2.11 1.18 25.24
C GLU B 37 1.92 2.70 25.20
N TYR B 38 1.63 3.23 24.02
CA TYR B 38 1.64 4.66 23.77
C TYR B 38 0.32 5.38 23.90
N ALA B 39 -0.78 4.62 23.86
CA ALA B 39 -2.12 5.18 23.82
C ALA B 39 -3.03 4.19 24.60
N PRO B 40 -2.76 3.98 25.90
CA PRO B 40 -3.49 2.89 26.60
C PRO B 40 -5.03 3.14 26.73
N GLU B 41 -5.45 4.40 26.86
CA GLU B 41 -6.89 4.69 26.87
C GLU B 41 -7.54 4.42 25.53
N THR B 42 -6.85 4.73 24.44
CA THR B 42 -7.34 4.36 23.08
C THR B 42 -7.38 2.86 22.88
N PHE B 43 -6.34 2.16 23.33
CA PHE B 43 -6.29 0.72 23.22
C PHE B 43 -7.47 0.10 24.00
N ASP B 44 -7.78 0.64 25.19
CA ASP B 44 -8.87 0.09 26.03
C ASP B 44 -10.22 0.26 25.30
N ALA B 45 -10.53 1.47 24.82
CA ALA B 45 -11.83 1.74 24.16
C ALA B 45 -11.96 0.91 22.88
N TYR B 46 -10.91 0.91 22.08
CA TYR B 46 -10.82 0.08 20.87
C TYR B 46 -11.03 -1.39 21.18
N SER B 47 -10.43 -1.89 22.27
CA SER B 47 -10.58 -3.32 22.62
C SER B 47 -12.01 -3.64 23.04
N ARG B 48 -12.66 -2.69 23.71
CA ARG B 48 -14.05 -2.88 24.08
C ARG B 48 -14.92 -2.96 22.82
N MSE B 49 -14.65 -2.09 21.84
CA MSE B 49 -15.39 -2.07 20.60
C MSE B 49 -15.19 -3.39 19.87
O MSE B 49 -16.15 -4.02 19.41
CB MSE B 49 -14.95 -0.90 19.70
CG MSE B 49 -15.88 -0.64 18.52
SE MSE B 49 -15.31 0.90 17.50
CE MSE B 49 -13.74 0.09 16.77
N ARG B 50 -13.94 -3.83 19.80
CA ARG B 50 -13.58 -5.08 19.12
C ARG B 50 -14.27 -6.28 19.74
N THR B 51 -14.33 -6.26 21.06
CA THR B 51 -14.90 -7.35 21.84
C THR B 51 -16.38 -7.54 21.53
N THR B 52 -17.13 -6.45 21.44
CA THR B 52 -18.54 -6.53 21.04
C THR B 52 -18.66 -6.96 19.57
N MSE B 53 -17.84 -6.35 18.71
CA MSE B 53 -17.97 -6.64 17.28
C MSE B 53 -17.67 -8.09 16.93
O MSE B 53 -18.33 -8.66 16.06
CB MSE B 53 -17.05 -5.75 16.48
CG MSE B 53 -17.56 -4.33 16.37
SE MSE B 53 -16.18 -3.31 15.42
CE MSE B 53 -17.09 -1.65 15.22
N LEU B 54 -16.74 -8.71 17.67
CA LEU B 54 -16.29 -10.06 17.38
C LEU B 54 -16.86 -11.09 18.39
N LYS B 55 -17.92 -10.69 19.09
CA LYS B 55 -18.68 -11.60 19.94
C LYS B 55 -18.99 -12.92 19.20
N SER B 56 -18.83 -14.02 19.89
CA SER B 56 -19.19 -15.34 19.36
C SER B 56 -20.70 -15.59 19.41
N GLU B 57 -21.13 -16.59 18.64
CA GLU B 57 -22.49 -17.07 18.69
C GLU B 57 -22.87 -17.54 20.10
N ALA B 58 -21.94 -18.23 20.76
CA ALA B 58 -22.13 -18.71 22.12
C ALA B 58 -22.42 -17.54 23.08
N ASP B 59 -21.88 -16.37 22.78
CA ASP B 59 -22.17 -15.18 23.57
C ASP B 59 -23.27 -14.32 22.97
N GLY B 60 -24.01 -14.88 22.02
CA GLY B 60 -25.21 -14.24 21.51
C GLY B 60 -25.11 -13.56 20.14
N ALA B 61 -23.98 -13.73 19.45
CA ALA B 61 -23.82 -13.11 18.12
C ALA B 61 -24.70 -13.88 17.12
N LYS B 62 -25.21 -13.19 16.11
CA LYS B 62 -25.95 -13.85 15.04
C LYS B 62 -25.10 -14.31 13.85
N LEU B 63 -24.04 -13.57 13.51
CA LEU B 63 -23.17 -13.92 12.38
C LEU B 63 -22.05 -14.81 12.93
N PRO B 64 -21.91 -16.03 12.39
CA PRO B 64 -20.86 -16.93 12.86
C PRO B 64 -19.46 -16.29 12.84
N LEU B 65 -18.69 -16.58 13.89
CA LEU B 65 -17.36 -15.98 14.06
C LEU B 65 -16.45 -16.23 12.86
N LYS B 66 -16.52 -17.43 12.30
CA LYS B 66 -15.73 -17.72 11.10
C LYS B 66 -15.99 -16.74 9.95
N TYR B 67 -17.26 -16.34 9.80
CA TYR B 67 -17.63 -15.38 8.74
C TYR B 67 -17.29 -13.92 9.09
N LYS B 68 -17.34 -13.59 10.40
CA LYS B 68 -16.85 -12.32 10.87
C LYS B 68 -15.38 -12.14 10.48
N HIS B 69 -14.57 -13.15 10.80
CA HIS B 69 -13.17 -13.08 10.41
C HIS B 69 -12.91 -13.18 8.91
N LEU B 70 -13.75 -13.91 8.17
CA LEU B 70 -13.65 -13.87 6.71
C LEU B 70 -13.88 -12.45 6.18
N ILE B 71 -14.88 -11.72 6.70
CA ILE B 71 -15.08 -10.32 6.28
C ILE B 71 -13.79 -9.50 6.54
N LEU B 72 -13.18 -9.71 7.72
CA LEU B 72 -11.94 -9.01 8.07
C LEU B 72 -10.79 -9.40 7.16
N VAL B 73 -10.75 -10.66 6.76
CA VAL B 73 -9.75 -11.11 5.80
C VAL B 73 -9.88 -10.31 4.49
N VAL B 74 -11.11 -10.26 3.97
CA VAL B 74 -11.33 -9.57 2.69
C VAL B 74 -10.99 -8.08 2.81
N LEU B 75 -11.41 -7.45 3.91
CA LEU B 75 -11.04 -6.04 4.18
C LEU B 75 -9.52 -5.81 4.29
N ASP B 76 -8.81 -6.72 4.97
CA ASP B 76 -7.36 -6.64 5.02
C ASP B 76 -6.74 -6.86 3.62
N ALA B 77 -7.37 -7.68 2.78
CA ALA B 77 -6.94 -7.81 1.38
C ALA B 77 -7.00 -6.49 0.65
N ILE B 78 -8.15 -5.84 0.80
N ILE B 78 -8.16 -5.82 0.73
CA ILE B 78 -8.35 -4.54 0.18
CA ILE B 78 -8.32 -4.57 0.01
C ILE B 78 -7.33 -3.53 0.70
C ILE B 78 -7.50 -3.41 0.63
N ARG B 79 -7.14 -3.50 2.01
N ARG B 79 -7.12 -3.54 1.90
CA ARG B 79 -6.34 -2.45 2.64
CA ARG B 79 -6.35 -2.52 2.65
C ARG B 79 -4.84 -2.73 2.47
C ARG B 79 -4.85 -2.81 2.59
N ASP B 80 -4.49 -3.93 1.98
CA ASP B 80 -3.09 -4.40 1.92
C ASP B 80 -2.45 -4.47 3.29
N GLU B 81 -3.10 -5.18 4.22
N GLU B 81 -3.06 -5.31 4.15
CA GLU B 81 -2.46 -5.41 5.52
CA GLU B 81 -2.63 -5.53 5.53
C GLU B 81 -2.19 -6.90 5.61
C GLU B 81 -2.18 -6.99 5.67
N PRO B 82 -0.97 -7.31 5.23
CA PRO B 82 -0.55 -8.70 5.19
C PRO B 82 -0.43 -9.41 6.55
N ILE B 83 -0.11 -8.65 7.61
CA ILE B 83 -0.02 -9.25 8.94
C ILE B 83 -1.45 -9.56 9.41
N GLY B 84 -2.30 -8.55 9.35
CA GLY B 84 -3.69 -8.72 9.68
C GLY B 84 -4.40 -9.78 8.88
N ILE B 85 -4.13 -9.86 7.58
CA ILE B 85 -4.84 -10.83 6.73
C ILE B 85 -4.52 -12.27 7.19
N VAL B 86 -3.26 -12.55 7.56
CA VAL B 86 -2.91 -13.87 8.03
C VAL B 86 -3.52 -14.05 9.44
N ASN B 87 -3.43 -13.06 10.32
CA ASN B 87 -4.05 -13.19 11.64
C ASN B 87 -5.56 -13.52 11.60
N HIS B 88 -6.30 -12.83 10.72
CA HIS B 88 -7.72 -13.10 10.57
C HIS B 88 -8.03 -14.42 9.84
N THR B 89 -7.16 -14.83 8.92
CA THR B 89 -7.30 -16.15 8.28
C THR B 89 -7.16 -17.26 9.34
N ARG B 90 -6.09 -17.17 10.13
N ARG B 90 -6.11 -17.17 10.15
CA ARG B 90 -5.87 -18.06 11.26
CA ARG B 90 -5.93 -18.12 11.25
C ARG B 90 -7.11 -18.10 12.18
C ARG B 90 -7.13 -18.12 12.19
N ALA B 91 -7.57 -16.93 12.59
CA ALA B 91 -8.76 -16.81 13.45
C ALA B 91 -9.99 -17.47 12.81
N ALA B 92 -10.25 -17.15 11.52
CA ALA B 92 -11.41 -17.69 10.84
C ALA B 92 -11.36 -19.22 10.84
N MSE B 93 -10.18 -19.76 10.55
CA MSE B 93 -10.02 -21.20 10.37
C MSE B 93 -10.06 -21.91 11.72
O MSE B 93 -10.63 -23.00 11.85
CB MSE B 93 -8.73 -21.51 9.61
CG MSE B 93 -8.86 -21.17 8.14
SE MSE B 93 -7.28 -21.44 7.10
CE MSE B 93 -7.10 -23.42 7.30
N ASN B 94 -9.51 -21.24 12.73
CA ASN B 94 -9.69 -21.72 14.11
C ASN B 94 -11.16 -21.82 14.48
N ALA B 95 -11.99 -20.91 13.96
CA ALA B 95 -13.43 -20.90 14.21
C ALA B 95 -14.22 -21.76 13.21
N GLY B 96 -13.54 -22.47 12.33
CA GLY B 96 -14.19 -23.45 11.47
C GLY B 96 -14.27 -23.15 9.99
N LEU B 97 -13.72 -22.01 9.56
CA LEU B 97 -13.80 -21.69 8.14
C LEU B 97 -12.95 -22.67 7.34
N SER B 98 -13.46 -23.17 6.23
CA SER B 98 -12.65 -23.99 5.32
C SER B 98 -11.82 -23.14 4.37
N VAL B 99 -10.74 -23.76 3.87
CA VAL B 99 -9.95 -23.11 2.82
C VAL B 99 -10.80 -22.79 1.57
N ASP B 100 -11.66 -23.72 1.18
CA ASP B 100 -12.56 -23.41 0.05
C ASP B 100 -13.39 -22.16 0.25
N GLU B 101 -13.99 -22.00 1.45
CA GLU B 101 -14.78 -20.80 1.76
C GLU B 101 -13.91 -19.54 1.76
N LEU B 102 -12.69 -19.67 2.27
CA LEU B 102 -11.76 -18.57 2.30
C LEU B 102 -11.54 -18.04 0.89
N ILE B 103 -11.23 -18.96 -0.02
CA ILE B 103 -10.94 -18.62 -1.40
C ILE B 103 -12.20 -17.96 -2.01
N GLU B 104 -13.37 -18.57 -1.80
CA GLU B 104 -14.60 -18.00 -2.39
C GLU B 104 -14.83 -16.55 -1.94
N GLY B 105 -14.57 -16.26 -0.65
CA GLY B 105 -14.76 -14.94 -0.11
C GLY B 105 -13.80 -13.93 -0.67
N ILE B 106 -12.51 -14.32 -0.67
CA ILE B 106 -11.46 -13.45 -1.18
C ILE B 106 -11.67 -13.06 -2.63
N LEU B 107 -12.07 -14.00 -3.46
CA LEU B 107 -12.33 -13.70 -4.88
C LEU B 107 -13.30 -12.57 -5.09
N LEU B 108 -14.28 -12.45 -4.20
CA LEU B 108 -15.33 -11.42 -4.36
C LEU B 108 -14.74 -10.02 -4.31
N GLY B 109 -13.60 -9.86 -3.63
CA GLY B 109 -12.87 -8.58 -3.69
C GLY B 109 -12.52 -8.11 -5.07
N ILE B 110 -12.31 -9.01 -6.03
CA ILE B 110 -11.97 -8.66 -7.40
C ILE B 110 -13.13 -7.85 -8.06
N ILE B 111 -14.38 -8.22 -7.72
CA ILE B 111 -15.53 -7.48 -8.26
C ILE B 111 -15.46 -5.97 -7.96
N VAL B 112 -15.20 -5.63 -6.69
CA VAL B 112 -15.29 -4.28 -6.22
C VAL B 112 -13.96 -3.51 -6.30
N TYR B 113 -12.88 -4.26 -6.19
CA TYR B 113 -11.51 -3.73 -6.06
C TYR B 113 -10.48 -4.24 -7.11
N GLY B 114 -10.91 -4.99 -8.10
CA GLY B 114 -10.03 -5.40 -9.17
C GLY B 114 -9.08 -6.51 -8.79
N MSE B 115 -8.26 -6.89 -9.77
CA MSE B 115 -7.36 -7.98 -9.58
C MSE B 115 -6.38 -7.77 -8.40
O MSE B 115 -6.10 -8.78 -7.72
CB MSE B 115 -6.68 -8.34 -10.89
CG MSE B 115 -5.75 -9.57 -10.81
SE MSE B 115 -6.59 -11.16 -10.08
CE MSE B 115 -7.96 -11.36 -11.50
N PRO B 116 -6.00 -6.54 -8.07
CA PRO B 116 -5.12 -6.40 -6.85
C PRO B 116 -5.71 -6.85 -5.55
N ALA B 117 -7.03 -6.93 -5.46
CA ALA B 117 -7.69 -7.50 -4.29
C ALA B 117 -7.25 -8.95 -4.00
N TRP B 118 -6.92 -9.66 -5.07
CA TRP B 118 -6.26 -10.97 -4.99
C TRP B 118 -4.72 -10.88 -5.03
N GLY B 119 -4.20 -10.15 -6.02
CA GLY B 119 -2.80 -10.22 -6.37
C GLY B 119 -1.84 -9.64 -5.38
N LYS B 120 -2.19 -8.54 -4.73
N LYS B 120 -2.20 -8.58 -4.68
CA LYS B 120 -1.25 -7.91 -3.80
CA LYS B 120 -1.24 -7.94 -3.81
C LYS B 120 -1.23 -8.73 -2.49
C LYS B 120 -1.19 -8.58 -2.43
N THR B 121 -2.32 -8.71 -1.77
CA THR B 121 -2.38 -9.22 -0.42
C THR B 121 -3.34 -10.38 -0.23
N GLY B 122 -4.47 -10.35 -0.93
CA GLY B 122 -5.46 -11.42 -0.71
C GLY B 122 -4.91 -12.83 -0.84
N ARG B 123 -4.12 -13.05 -1.89
CA ARG B 123 -3.59 -14.38 -2.16
C ARG B 123 -2.65 -14.87 -1.07
N LYS B 124 -2.05 -13.94 -0.31
CA LYS B 124 -1.13 -14.39 0.79
C LYS B 124 -1.92 -15.16 1.88
N ALA B 125 -3.18 -14.80 2.07
CA ALA B 125 -4.09 -15.50 2.98
C ALA B 125 -4.27 -16.95 2.54
N VAL B 126 -4.36 -17.18 1.23
CA VAL B 126 -4.58 -18.50 0.66
C VAL B 126 -3.31 -19.34 0.80
N THR B 127 -2.17 -18.73 0.48
CA THR B 127 -0.87 -19.39 0.66
C THR B 127 -0.70 -19.91 2.12
N PHE B 128 -0.96 -19.02 3.07
CA PHE B 128 -0.99 -19.37 4.47
C PHE B 128 -2.00 -20.48 4.77
N ALA B 129 -3.22 -20.34 4.24
CA ALA B 129 -4.35 -21.20 4.59
C ALA B 129 -4.07 -22.67 4.21
N VAL B 130 -3.46 -22.84 3.05
CA VAL B 130 -3.13 -24.19 2.57
C VAL B 130 -2.21 -24.94 3.55
N GLU B 131 -1.26 -24.23 4.14
CA GLU B 131 -0.39 -24.79 5.14
C GLU B 131 -1.09 -24.90 6.49
N PHE B 132 -1.86 -23.89 6.85
CA PHE B 132 -2.54 -23.91 8.14
C PHE B 132 -3.62 -25.00 8.27
N GLU B 133 -4.24 -25.34 7.16
CA GLU B 133 -5.23 -26.39 7.11
C GLU B 133 -4.56 -27.68 7.57
N LYS B 134 -3.34 -27.94 7.11
CA LYS B 134 -2.63 -29.16 7.52
C LYS B 134 -2.17 -29.09 8.96
N GLU B 135 -1.77 -27.87 9.40
CA GLU B 135 -1.38 -27.70 10.79
C GLU B 135 -2.56 -27.98 11.70
N LEU B 136 -3.69 -27.36 11.39
N LEU B 136 -3.71 -27.34 11.42
CA LEU B 136 -4.87 -27.53 12.23
CA LEU B 136 -4.87 -27.59 12.27
C LEU B 136 -5.32 -29.00 12.30
C LEU B 136 -5.22 -29.06 12.34
N ALA B 137 -5.27 -29.69 11.17
CA ALA B 137 -5.58 -31.14 11.14
C ALA B 137 -4.63 -31.99 12.01
N GLY B 138 -3.36 -31.60 12.12
CA GLY B 138 -2.36 -32.31 12.88
C GLY B 138 -2.35 -32.03 14.39
N LYS B 139 -3.23 -31.09 14.81
CA LYS B 139 -3.36 -30.72 16.22
C LYS B 139 -4.68 -31.12 16.84
N ARG B 140 -5.60 -31.62 16.02
CA ARG B 140 -6.95 -31.91 16.43
C ARG B 140 -7.33 -33.32 16.08
N THR B 141 -8.21 -33.89 16.87
CA THR B 141 -8.71 -35.24 16.65
C THR B 141 -9.55 -35.32 15.34
N ALA C 8 -4.89 -29.22 -13.58
CA ALA C 8 -5.70 -30.26 -14.32
C ALA C 8 -6.75 -29.61 -15.27
N THR C 9 -7.94 -29.30 -14.75
CA THR C 9 -8.68 -28.22 -15.41
C THR C 9 -7.82 -26.90 -15.34
N SER C 10 -7.08 -26.62 -14.24
CA SER C 10 -6.15 -25.48 -14.22
C SER C 10 -5.18 -25.56 -15.40
N GLN C 11 -4.68 -26.76 -15.70
CA GLN C 11 -3.64 -26.88 -16.71
C GLN C 11 -4.25 -26.62 -18.09
N ASP C 12 -5.47 -27.05 -18.33
CA ASP C 12 -6.16 -26.79 -19.61
C ASP C 12 -6.40 -25.29 -19.81
N ILE C 13 -6.84 -24.65 -18.75
CA ILE C 13 -7.18 -23.21 -18.79
C ILE C 13 -5.90 -22.38 -18.95
N LEU C 14 -4.83 -22.75 -18.25
CA LEU C 14 -3.50 -22.13 -18.48
C LEU C 14 -3.07 -22.24 -19.95
N LYS C 15 -3.24 -23.42 -20.52
CA LYS C 15 -2.90 -23.62 -21.91
C LYS C 15 -3.74 -22.73 -22.80
N GLN C 16 -5.03 -22.65 -22.50
N GLN C 16 -5.03 -22.63 -22.52
CA GLN C 16 -6.01 -21.84 -23.26
CA GLN C 16 -5.90 -21.82 -23.35
C GLN C 16 -5.61 -20.36 -23.38
C GLN C 16 -5.42 -20.37 -23.45
N HIS C 17 -5.02 -19.82 -22.30
CA HIS C 17 -4.68 -18.39 -22.25
C HIS C 17 -3.20 -18.08 -22.44
N ALA C 18 -2.39 -19.13 -22.63
CA ALA C 18 -0.93 -18.94 -22.70
C ALA C 18 -0.53 -17.99 -23.85
N ALA C 19 -1.19 -18.11 -25.01
CA ALA C 19 -0.85 -17.30 -26.17
C ALA C 19 -1.02 -15.81 -25.86
N HIS C 20 -2.13 -15.47 -25.21
CA HIS C 20 -2.42 -14.11 -24.78
C HIS C 20 -1.32 -13.55 -23.88
N TYR C 21 -0.99 -14.27 -22.82
CA TYR C 21 -0.06 -13.74 -21.83
C TYR C 21 1.33 -13.69 -22.43
N GLU C 22 1.73 -14.71 -23.19
CA GLU C 22 3.04 -14.69 -23.80
C GLU C 22 3.22 -13.45 -24.71
N SER C 23 2.20 -13.21 -25.53
N SER C 23 2.21 -13.17 -25.53
CA SER C 23 2.23 -12.14 -26.51
CA SER C 23 2.31 -12.15 -26.53
C SER C 23 2.18 -10.80 -25.80
C SER C 23 2.07 -10.77 -25.93
N ASP C 24 1.26 -10.69 -24.88
CA ASP C 24 0.98 -9.38 -24.30
C ASP C 24 2.00 -8.97 -23.22
N MSE C 25 2.32 -9.93 -22.33
CA MSE C 25 3.17 -9.65 -21.19
C MSE C 25 4.51 -10.33 -21.19
O MSE C 25 5.38 -9.96 -20.37
CB MSE C 25 2.42 -10.06 -19.92
CG MSE C 25 1.11 -9.33 -19.68
SE MSE C 25 1.50 -7.48 -19.05
CE MSE C 25 1.47 -7.80 -17.14
N GLY C 26 4.69 -11.33 -22.07
CA GLY C 26 5.89 -12.16 -22.08
C GLY C 26 5.95 -13.22 -20.99
N GLY C 27 4.88 -13.38 -20.23
CA GLY C 27 4.83 -14.34 -19.14
C GLY C 27 3.55 -14.15 -18.34
N LEU C 28 3.33 -15.07 -17.41
CA LEU C 28 2.18 -15.02 -16.55
C LEU C 28 2.65 -14.58 -15.17
N PRO C 29 2.22 -13.37 -14.72
CA PRO C 29 2.61 -12.92 -13.36
C PRO C 29 2.22 -13.91 -12.28
N GLU C 30 3.07 -14.01 -11.26
CA GLU C 30 2.87 -14.95 -10.16
C GLU C 30 1.44 -14.88 -9.58
N ALA C 31 0.91 -13.69 -9.38
CA ALA C 31 -0.45 -13.54 -8.82
C ALA C 31 -1.44 -14.32 -9.68
N LEU C 32 -1.25 -14.30 -11.00
CA LEU C 32 -2.20 -14.96 -11.92
C LEU C 32 -1.87 -16.48 -12.04
N VAL C 33 -0.61 -16.85 -11.88
CA VAL C 33 -0.28 -18.30 -11.78
C VAL C 33 -1.05 -18.90 -10.59
N GLN C 34 -1.03 -18.20 -9.45
N GLN C 34 -1.07 -18.19 -9.48
CA GLN C 34 -1.71 -18.67 -8.24
CA GLN C 34 -1.72 -18.67 -8.27
C GLN C 34 -3.22 -18.66 -8.46
C GLN C 34 -3.24 -18.62 -8.40
N LEU C 35 -3.74 -17.63 -9.11
CA LEU C 35 -5.19 -17.54 -9.40
C LEU C 35 -5.60 -18.78 -10.22
N ALA C 36 -4.79 -19.10 -11.22
CA ALA C 36 -5.08 -20.26 -12.08
C ALA C 36 -5.14 -21.57 -11.27
N GLU C 37 -4.24 -21.71 -10.30
CA GLU C 37 -4.19 -22.86 -9.42
C GLU C 37 -5.39 -22.98 -8.52
N TYR C 38 -5.71 -21.89 -7.82
CA TYR C 38 -6.76 -21.92 -6.81
C TYR C 38 -8.16 -21.57 -7.29
N ALA C 39 -8.27 -20.87 -8.41
CA ALA C 39 -9.56 -20.40 -8.89
C ALA C 39 -9.60 -20.46 -10.42
N PRO C 40 -9.47 -21.66 -11.00
CA PRO C 40 -9.34 -21.78 -12.46
C PRO C 40 -10.46 -21.18 -13.28
N GLU C 41 -11.70 -21.30 -12.81
CA GLU C 41 -12.83 -20.68 -13.52
C GLU C 41 -12.81 -19.15 -13.51
N THR C 42 -12.43 -18.56 -12.37
CA THR C 42 -12.17 -17.08 -12.29
C THR C 42 -11.02 -16.68 -13.20
N PHE C 43 -9.90 -17.39 -13.14
CA PHE C 43 -8.78 -17.14 -14.02
C PHE C 43 -9.18 -17.19 -15.52
N ASP C 44 -10.00 -18.20 -15.90
CA ASP C 44 -10.49 -18.32 -17.23
C ASP C 44 -11.27 -17.07 -17.64
N ALA C 45 -12.30 -16.74 -16.86
CA ALA C 45 -13.16 -15.61 -17.23
C ALA C 45 -12.35 -14.30 -17.23
N TYR C 46 -11.53 -14.10 -16.22
CA TYR C 46 -10.68 -12.91 -16.15
C TYR C 46 -9.78 -12.79 -17.37
N SER C 47 -9.20 -13.91 -17.73
CA SER C 47 -8.30 -13.94 -18.88
C SER C 47 -9.05 -13.62 -20.20
N ARG C 48 -10.30 -14.10 -20.33
N ARG C 48 -10.30 -14.09 -20.34
CA ARG C 48 -11.13 -13.74 -21.47
CA ARG C 48 -11.11 -13.73 -21.50
C ARG C 48 -11.34 -12.23 -21.53
C ARG C 48 -11.35 -12.21 -21.54
N MSE C 49 -11.64 -11.68 -20.36
CA MSE C 49 -11.89 -10.24 -20.21
C MSE C 49 -10.62 -9.46 -20.63
O MSE C 49 -10.66 -8.49 -21.38
CB MSE C 49 -12.31 -9.87 -18.75
CG MSE C 49 -12.77 -8.43 -18.65
SE MSE C 49 -13.41 -8.07 -16.88
CE MSE C 49 -11.68 -7.91 -16.03
N ARG C 50 -9.49 -9.88 -20.10
CA ARG C 50 -8.21 -9.22 -20.38
C ARG C 50 -7.86 -9.31 -21.87
N THR C 51 -8.15 -10.46 -22.45
CA THR C 51 -7.86 -10.71 -23.88
C THR C 51 -8.59 -9.70 -24.78
N THR C 52 -9.89 -9.44 -24.51
CA THR C 52 -10.60 -8.42 -25.26
C THR C 52 -10.10 -7.01 -24.92
N MSE C 53 -9.91 -6.73 -23.64
CA MSE C 53 -9.45 -5.41 -23.23
C MSE C 53 -8.13 -4.99 -23.86
O MSE C 53 -7.96 -3.82 -24.21
CB MSE C 53 -9.38 -5.32 -21.71
CG MSE C 53 -10.72 -5.17 -21.08
SE MSE C 53 -10.44 -5.15 -19.16
CE MSE C 53 -12.31 -4.73 -18.65
N LEU C 54 -7.20 -5.94 -23.99
CA LEU C 54 -5.88 -5.65 -24.46
C LEU C 54 -5.63 -6.12 -25.89
N LYS C 55 -6.70 -6.27 -26.67
CA LYS C 55 -6.61 -6.54 -28.09
C LYS C 55 -5.74 -5.48 -28.79
N SER C 56 -4.92 -5.94 -29.74
CA SER C 56 -4.04 -5.07 -30.52
C SER C 56 -4.81 -4.37 -31.66
N GLU C 57 -4.24 -3.30 -32.20
CA GLU C 57 -4.83 -2.71 -33.41
C GLU C 57 -4.99 -3.70 -34.56
N ALA C 58 -3.99 -4.56 -34.75
CA ALA C 58 -4.05 -5.59 -35.80
C ALA C 58 -5.24 -6.50 -35.65
N ASP C 59 -5.67 -6.73 -34.40
CA ASP C 59 -6.89 -7.45 -34.13
C ASP C 59 -8.14 -6.61 -34.04
N GLY C 60 -8.05 -5.33 -34.40
CA GLY C 60 -9.24 -4.51 -34.52
C GLY C 60 -9.43 -3.44 -33.46
N ALA C 61 -8.53 -3.41 -32.48
CA ALA C 61 -8.59 -2.34 -31.47
C ALA C 61 -8.37 -0.94 -32.05
N LYS C 62 -8.96 0.05 -31.41
CA LYS C 62 -8.77 1.43 -31.81
C LYS C 62 -7.71 2.17 -31.01
N LEU C 63 -7.54 1.85 -29.72
CA LEU C 63 -6.54 2.47 -28.87
C LEU C 63 -5.24 1.65 -29.02
N PRO C 64 -4.16 2.30 -29.45
CA PRO C 64 -2.90 1.60 -29.56
C PRO C 64 -2.47 0.89 -28.29
N LEU C 65 -1.91 -0.30 -28.51
CA LEU C 65 -1.54 -1.17 -27.43
C LEU C 65 -0.54 -0.52 -26.48
N LYS C 66 0.40 0.23 -27.05
CA LYS C 66 1.37 0.92 -26.19
C LYS C 66 0.65 1.88 -25.20
N TYR C 67 -0.46 2.49 -25.64
CA TYR C 67 -1.19 3.41 -24.77
C TYR C 67 -2.11 2.66 -23.80
N LYS C 68 -2.69 1.53 -24.22
CA LYS C 68 -3.39 0.64 -23.27
C LYS C 68 -2.47 0.28 -22.11
N HIS C 69 -1.24 -0.17 -22.42
CA HIS C 69 -0.28 -0.53 -21.35
C HIS C 69 0.18 0.70 -20.55
N LEU C 70 0.28 1.86 -21.18
CA LEU C 70 0.61 3.11 -20.45
C LEU C 70 -0.48 3.47 -19.40
N ILE C 71 -1.73 3.31 -19.77
CA ILE C 71 -2.84 3.51 -18.85
C ILE C 71 -2.69 2.56 -17.66
N LEU C 72 -2.36 1.29 -17.90
CA LEU C 72 -2.20 0.35 -16.82
C LEU C 72 -0.96 0.64 -15.97
N VAL C 73 0.13 1.15 -16.59
CA VAL C 73 1.27 1.66 -15.82
C VAL C 73 0.81 2.72 -14.80
N VAL C 74 0.05 3.70 -15.27
CA VAL C 74 -0.38 4.78 -14.40
C VAL C 74 -1.28 4.22 -13.31
N LEU C 75 -2.21 3.33 -13.70
CA LEU C 75 -3.09 2.72 -12.67
C LEU C 75 -2.29 1.92 -11.64
N ASP C 76 -1.29 1.17 -12.08
CA ASP C 76 -0.43 0.42 -11.16
C ASP C 76 0.42 1.36 -10.27
N ALA C 77 0.75 2.58 -10.76
CA ALA C 77 1.41 3.57 -9.95
C ALA C 77 0.50 4.00 -8.80
N ILE C 78 -0.76 4.27 -9.12
N ILE C 78 -0.77 4.31 -9.06
CA ILE C 78 -1.70 4.72 -8.12
CA ILE C 78 -1.65 4.80 -7.96
C ILE C 78 -1.96 3.62 -7.09
C ILE C 78 -2.16 3.65 -7.06
N ARG C 79 -2.14 2.40 -7.57
N ARG C 79 -2.06 2.42 -7.59
CA ARG C 79 -2.47 1.28 -6.69
CA ARG C 79 -2.43 1.21 -6.85
C ARG C 79 -1.26 0.73 -5.94
C ARG C 79 -1.24 0.61 -6.08
N ASP C 80 -0.06 1.19 -6.29
CA ASP C 80 1.19 0.69 -5.69
C ASP C 80 1.38 -0.81 -5.99
N GLU C 81 1.41 -1.12 -7.30
N GLU C 81 1.42 -1.14 -7.29
CA GLU C 81 1.69 -2.48 -7.83
CA GLU C 81 1.71 -2.50 -7.73
C GLU C 81 3.03 -2.45 -8.54
C GLU C 81 3.00 -2.46 -8.50
N PRO C 82 4.12 -2.62 -7.79
CA PRO C 82 5.43 -2.49 -8.42
C PRO C 82 5.84 -3.60 -9.38
N ILE C 83 5.30 -4.79 -9.20
CA ILE C 83 5.59 -5.84 -10.20
C ILE C 83 4.82 -5.55 -11.48
N GLY C 84 3.52 -5.30 -11.33
CA GLY C 84 2.69 -4.93 -12.44
C GLY C 84 3.22 -3.74 -13.17
N ILE C 85 3.67 -2.69 -12.43
CA ILE C 85 4.07 -1.46 -13.16
C ILE C 85 5.24 -1.75 -14.10
N VAL C 86 6.19 -2.56 -13.67
CA VAL C 86 7.30 -2.93 -14.54
C VAL C 86 6.82 -3.81 -15.70
N ASN C 87 5.95 -4.78 -15.42
CA ASN C 87 5.44 -5.70 -16.48
C ASN C 87 4.71 -4.87 -17.57
N HIS C 88 3.92 -3.91 -17.12
CA HIS C 88 3.18 -3.07 -18.06
C HIS C 88 4.08 -2.05 -18.79
N THR C 89 5.12 -1.59 -18.12
CA THR C 89 6.10 -0.71 -18.79
C THR C 89 6.86 -1.45 -19.90
N ARG C 90 7.29 -2.66 -19.57
CA ARG C 90 7.95 -3.53 -20.54
C ARG C 90 7.02 -3.79 -21.74
N ALA C 91 5.77 -4.12 -21.43
CA ALA C 91 4.78 -4.39 -22.49
C ALA C 91 4.56 -3.14 -23.34
N ALA C 92 4.42 -1.97 -22.70
CA ALA C 92 4.19 -0.74 -23.42
C ALA C 92 5.35 -0.42 -24.36
N MSE C 93 6.58 -0.57 -23.85
CA MSE C 93 7.77 -0.29 -24.66
C MSE C 93 8.01 -1.31 -25.79
O MSE C 93 8.45 -0.96 -26.88
CB MSE C 93 9.00 -0.13 -23.75
CG MSE C 93 8.84 1.02 -22.79
SE MSE C 93 10.37 1.22 -21.59
CE MSE C 93 11.74 1.56 -22.95
N ASN C 94 7.73 -2.58 -25.50
CA ASN C 94 7.73 -3.56 -26.60
C ASN C 94 6.69 -3.23 -27.68
N ALA C 95 5.66 -2.51 -27.32
CA ALA C 95 4.62 -2.10 -28.25
C ALA C 95 4.89 -0.73 -28.86
N GLY C 96 6.05 -0.12 -28.57
CA GLY C 96 6.46 1.10 -29.24
C GLY C 96 6.54 2.37 -28.36
N LEU C 97 6.11 2.27 -27.11
CA LEU C 97 6.09 3.44 -26.21
C LEU C 97 7.55 3.91 -25.98
N SER C 98 7.79 5.20 -26.06
CA SER C 98 9.07 5.77 -25.67
C SER C 98 9.16 6.03 -24.14
N VAL C 99 10.39 6.12 -23.62
CA VAL C 99 10.59 6.53 -22.22
C VAL C 99 10.03 7.92 -21.97
N ASP C 100 10.22 8.84 -22.92
CA ASP C 100 9.63 10.18 -22.78
C ASP C 100 8.13 10.15 -22.56
N GLU C 101 7.44 9.37 -23.41
CA GLU C 101 5.99 9.18 -23.27
C GLU C 101 5.63 8.57 -21.93
N LEU C 102 6.39 7.58 -21.49
CA LEU C 102 6.15 6.93 -20.22
C LEU C 102 6.21 7.97 -19.10
N ILE C 103 7.24 8.79 -19.07
CA ILE C 103 7.38 9.80 -18.02
C ILE C 103 6.24 10.82 -18.08
N GLU C 104 5.94 11.32 -19.28
CA GLU C 104 4.83 12.29 -19.41
C GLU C 104 3.49 11.73 -18.87
N GLY C 105 3.21 10.46 -19.16
CA GLY C 105 1.98 9.88 -18.66
C GLY C 105 1.96 9.66 -17.15
N ILE C 106 3.04 9.09 -16.58
CA ILE C 106 3.12 8.83 -15.13
C ILE C 106 2.96 10.14 -14.35
N LEU C 107 3.58 11.22 -14.85
CA LEU C 107 3.46 12.51 -14.14
C LEU C 107 2.04 12.96 -13.91
N LEU C 108 1.16 12.63 -14.85
CA LEU C 108 -0.23 13.05 -14.74
C LEU C 108 -0.91 12.50 -13.51
N GLY C 109 -0.45 11.35 -13.03
CA GLY C 109 -0.93 10.83 -11.75
C GLY C 109 -0.86 11.77 -10.57
N ILE C 110 0.15 12.65 -10.61
CA ILE C 110 0.33 13.64 -9.55
C ILE C 110 -0.87 14.60 -9.42
N ILE C 111 -1.46 14.96 -10.56
CA ILE C 111 -2.64 15.88 -10.50
C ILE C 111 -3.78 15.30 -9.70
N VAL C 112 -4.06 14.02 -9.96
CA VAL C 112 -5.22 13.39 -9.37
C VAL C 112 -4.95 12.73 -8.03
N TYR C 113 -3.70 12.29 -7.81
CA TYR C 113 -3.35 11.42 -6.67
C TYR C 113 -2.13 11.92 -5.89
N GLY C 114 -1.62 13.11 -6.20
CA GLY C 114 -0.53 13.70 -5.42
C GLY C 114 0.82 13.13 -5.67
N MSE C 115 1.80 13.66 -4.99
CA MSE C 115 3.19 13.27 -5.25
C MSE C 115 3.44 11.77 -5.10
O MSE C 115 4.26 11.21 -5.79
CB MSE C 115 4.14 14.09 -4.41
CG MSE C 115 5.64 13.86 -4.67
SE MSE C 115 6.12 13.97 -6.53
CE MSE C 115 5.56 15.82 -6.91
N PRO C 116 2.70 11.09 -4.18
CA PRO C 116 2.91 9.65 -4.08
C PRO C 116 2.61 8.81 -5.32
N ALA C 117 1.82 9.38 -6.27
CA ALA C 117 1.58 8.77 -7.59
C ALA C 117 2.89 8.62 -8.38
N TRP C 118 3.86 9.49 -8.09
CA TRP C 118 5.24 9.35 -8.56
C TRP C 118 6.17 8.66 -7.56
N GLY C 119 6.10 9.09 -6.33
CA GLY C 119 7.10 8.88 -5.35
C GLY C 119 7.16 7.44 -4.89
N LYS C 120 6.01 6.78 -4.76
N LYS C 120 5.99 6.81 -4.70
CA LYS C 120 6.05 5.46 -4.13
CA LYS C 120 5.95 5.45 -4.14
C LYS C 120 6.28 4.30 -5.11
C LYS C 120 6.37 4.43 -5.20
N THR C 121 5.54 4.29 -6.23
CA THR C 121 5.69 3.23 -7.23
C THR C 121 5.92 3.77 -8.64
N GLY C 122 5.26 4.90 -8.98
CA GLY C 122 5.33 5.32 -10.41
C GLY C 122 6.78 5.46 -10.91
N ARG C 123 7.63 6.08 -10.08
CA ARG C 123 8.99 6.38 -10.53
C ARG C 123 9.81 5.10 -10.75
N LYS C 124 9.38 4.00 -10.16
CA LYS C 124 10.03 2.72 -10.34
C LYS C 124 9.96 2.29 -11.79
N ALA C 125 8.82 2.60 -12.44
CA ALA C 125 8.69 2.35 -13.89
C ALA C 125 9.72 3.09 -14.72
N VAL C 126 10.03 4.31 -14.31
CA VAL C 126 11.00 5.12 -15.05
C VAL C 126 12.40 4.48 -14.90
N THR C 127 12.74 4.11 -13.67
CA THR C 127 14.04 3.48 -13.39
C THR C 127 14.25 2.25 -14.27
N PHE C 128 13.23 1.41 -14.30
CA PHE C 128 13.23 0.25 -15.19
C PHE C 128 13.35 0.63 -16.65
N ALA C 129 12.51 1.56 -17.07
CA ALA C 129 12.41 1.98 -18.48
C ALA C 129 13.76 2.42 -19.03
N VAL C 130 14.50 3.19 -18.22
CA VAL C 130 15.77 3.76 -18.68
C VAL C 130 16.75 2.63 -18.94
N GLU C 131 16.71 1.59 -18.11
CA GLU C 131 17.55 0.40 -18.37
C GLU C 131 17.03 -0.43 -19.56
N PHE C 132 15.73 -0.68 -19.61
CA PHE C 132 15.17 -1.47 -20.72
C PHE C 132 15.39 -0.78 -22.08
N GLU C 133 15.37 0.55 -22.10
CA GLU C 133 15.63 1.30 -23.33
C GLU C 133 17.00 0.90 -23.89
N LYS C 134 17.99 0.77 -23.00
CA LYS C 134 19.38 0.41 -23.36
C LYS C 134 19.38 -1.02 -23.92
N GLU C 135 18.58 -1.89 -23.33
CA GLU C 135 18.42 -3.22 -23.85
C GLU C 135 17.79 -3.21 -25.25
N LEU C 136 16.66 -2.55 -25.44
CA LEU C 136 16.03 -2.48 -26.76
C LEU C 136 16.96 -1.84 -27.79
N ALA C 137 17.79 -0.88 -27.37
CA ALA C 137 18.72 -0.19 -28.24
C ALA C 137 19.87 -1.12 -28.65
N GLY C 138 20.26 -2.03 -27.76
CA GLY C 138 21.22 -3.07 -28.11
C GLY C 138 20.71 -4.09 -29.14
N LYS C 139 19.44 -3.95 -29.54
CA LYS C 139 18.75 -4.90 -30.41
C LYS C 139 18.70 -6.26 -29.72
C ACT D . 6.47 9.59 25.06
O ACT D . 5.33 10.07 25.20
OXT ACT D . 7.40 10.44 25.00
CH3 ACT D . 6.68 8.11 24.99
C ACT E . 7.18 7.28 1.23
O ACT E . 6.46 7.54 0.22
OXT ACT E . 7.38 8.29 1.92
CH3 ACT E . 7.72 5.93 1.61
C ACT F . -5.51 5.72 1.01
O ACT F . -5.86 4.61 1.50
OXT ACT F . -6.28 6.65 1.20
CH3 ACT F . -4.25 5.98 0.26
C ACT G . 1.37 29.28 3.85
O ACT G . 1.31 29.79 2.66
OXT ACT G . 1.37 28.06 3.95
CH3 ACT G . 1.42 30.06 5.12
C ACT H . 15.29 14.01 3.66
O ACT H . 15.84 13.52 2.60
OXT ACT H . 15.98 14.09 4.73
CH3 ACT H . 13.86 14.51 3.72
C1 CIT I . 5.31 12.13 -1.27
O1 CIT I . 4.71 11.76 -2.28
O2 CIT I . 6.59 12.18 -1.41
C2 CIT I . 4.55 12.47 0.03
C3 CIT I . 5.47 13.53 0.65
O7 CIT I . 4.89 13.41 2.00
C4 CIT I . 5.64 14.81 -0.29
C5 CIT I . 6.51 16.04 0.06
O3 CIT I . 6.75 16.99 -0.75
O4 CIT I . 6.93 16.18 1.24
C6 CIT I . 6.96 13.30 0.89
O5 CIT I . 7.29 13.17 2.08
O6 CIT I . 7.84 13.41 -0.03
C1 GOL J . -8.17 8.64 -2.31
C1 GOL J . -7.89 8.34 -2.77
O1 GOL J . -7.81 7.35 -2.78
O1 GOL J . -7.16 9.52 -3.09
C2 GOL J . -9.27 8.60 -1.24
C2 GOL J . -8.90 8.57 -1.63
O2 GOL J . -10.41 7.96 -1.77
O2 GOL J . -10.16 8.12 -2.08
C3 GOL J . -8.78 7.87 0.02
C3 GOL J . -8.43 7.79 -0.38
O3 GOL J . -9.84 7.46 0.87
O3 GOL J . -9.32 7.78 0.72
C ACT K . -1.58 -12.86 16.82
O ACT K . -0.61 -12.22 17.33
OXT ACT K . -1.33 -14.03 16.46
CH3 ACT K . -2.94 -12.25 16.69
C1 CIT L . -6.42 -4.24 10.73
O1 CIT L . -5.83 -3.26 11.26
O2 CIT L . -7.30 -4.06 9.89
C2 CIT L . -6.11 -5.66 11.11
C3 CIT L . -6.12 -5.79 12.63
O7 CIT L . -6.00 -7.25 12.76
C4 CIT L . -7.35 -5.05 13.25
C5 CIT L . -7.94 -5.80 14.43
O3 CIT L . -8.34 -5.25 15.51
O4 CIT L . -8.03 -7.02 14.22
C6 CIT L . -4.97 -5.24 13.44
O5 CIT L . -4.52 -4.07 13.30
O6 CIT L . -4.48 -5.97 14.33
C1 GOL M . -8.87 -25.78 -1.34
O1 GOL M . -9.38 -27.08 -1.15
C2 GOL M . -7.38 -25.77 -1.09
O2 GOL M . -6.73 -26.03 -2.32
C3 GOL M . -7.04 -26.74 0.07
O3 GOL M . -8.17 -27.15 0.86
C ACT N . 15.02 9.08 -22.13
O ACT N . 14.85 8.48 -23.26
OXT ACT N . 15.79 8.53 -21.30
CH3 ACT N . 14.32 10.38 -21.81
C1 CIT O . -3.00 -6.81 -10.81
O1 CIT O . -3.93 -6.88 -10.03
O2 CIT O . -2.26 -7.82 -10.96
C2 CIT O . -2.79 -5.52 -11.57
C3 CIT O . -2.24 -6.04 -12.92
O7 CIT O . -1.67 -4.75 -13.28
C4 CIT O . -3.27 -6.99 -13.63
C5 CIT O . -3.09 -7.55 -15.07
O3 CIT O . -3.91 -8.47 -15.55
O4 CIT O . -2.26 -7.09 -15.88
C6 CIT O . -1.04 -6.89 -13.26
O5 CIT O . -0.11 -6.23 -13.79
O6 CIT O . -1.01 -8.16 -13.20
C1 GOL P . 5.31 -11.86 -16.46
O1 GOL P . 5.80 -12.62 -15.42
C2 GOL P . 6.28 -10.75 -16.83
O2 GOL P . 5.61 -10.01 -17.83
C3 GOL P . 7.69 -11.24 -17.22
O3 GOL P . 7.86 -11.41 -18.60
C1 GOL Q . -5.74 4.46 -4.23
C1 GOL Q . -5.84 4.37 -4.33
O1 GOL Q . -5.35 3.14 -4.56
O1 GOL Q . -5.67 2.99 -4.61
C2 GOL Q . -4.61 5.27 -3.55
C2 GOL Q . -4.68 4.87 -3.43
O2 GOL Q . -4.02 4.55 -2.48
O2 GOL Q . -4.42 4.00 -2.33
C3 GOL Q . -5.19 6.59 -2.99
C3 GOL Q . -4.96 6.29 -2.90
O3 GOL Q . -4.25 7.65 -2.98
O3 GOL Q . -6.05 6.33 -1.99
#